data_6DMI
#
_entry.id   6DMI
#
_cell.length_a   102.320
_cell.length_b   102.320
_cell.length_c   169.820
_cell.angle_alpha   90.000
_cell.angle_beta   90.000
_cell.angle_gamma   120.000
#
_symmetry.space_group_name_H-M   'P 61 2 2'
#
loop_
_entity.id
_entity.type
_entity.pdbx_description
1 polymer 'Beta-secretase 1'
2 non-polymer 'SODIUM ION'
3 non-polymer 'DIMETHYL SULFOXIDE'
4 non-polymer [(1~{R},2~{R})-2-[(4~{S})-2-azanyl-4-[4-[bis(fluoranyl)methoxy]phenyl]-5~{H}-1,3-oxazol-4-yl]cyclopropyl]-(5-chloranylpyridin-3-yl)methanone
5 water water
#
_entity_poly.entity_id   1
_entity_poly.type   'polypeptide(L)'
_entity_poly.pdbx_seq_one_letter_code
;RGSFVEMVDNLRGKSGQGYYVEMTVGSPPQTLNILVDTGSSNFAVGAAPHPFLHRYYQRQLSSTYRDLRKGVYVPYTQGK
WEGELGTDLVSIPHGPNVTVRANIAAITESDKFFINGSNWEGILGLAYAEIARPDDSLEPFFDSLVKQTHVPNLFSLQLC
GAGFPLNQSEVLASVGGSMIIGGIDHSLYTGSLWYTPIRREWYYEVIIVRVEINGQDLKMDCKEYNYDKSIVDSGTTNLR
LPKKVFEAAVASIKAASSTEKFPDGFWLGEQLVCWQAGTTPWNIFPVISLYLMGEVTNQSFRITILPQQYLRPVEDVATS
QDDCYKFAISQSSTGTVMGAVIMEGFYVVFDRARKRIGFAVSACHVHDEFRTAAVEGPFVTLDMEDCGYN
;
_entity_poly.pdbx_strand_id   A
#
loop_
_chem_comp.id
_chem_comp.type
_chem_comp.name
_chem_comp.formula
5T5 non-polymer [(1~{R},2~{R})-2-[(4~{S})-2-azanyl-4-[4-[bis(fluoranyl)methoxy]phenyl]-5~{H}-1,3-oxazol-4-yl]cyclopropyl]-(5-chloranylpyridin-3-yl)methanone 'C19 H16 Cl F2 N3 O3'
DMS non-polymer 'DIMETHYL SULFOXIDE' 'C2 H6 O S'
NA non-polymer 'SODIUM ION' 'Na 1'
#
# COMPACT_ATOMS: atom_id res chain seq x y z
N ARG A 1 16.06 -0.83 -17.92
CA ARG A 1 15.09 -1.91 -17.73
C ARG A 1 15.71 -3.07 -16.94
N GLY A 2 15.03 -3.54 -15.88
CA GLY A 2 15.39 -4.77 -15.21
C GLY A 2 16.32 -4.66 -14.03
N SER A 3 17.09 -3.58 -13.93
CA SER A 3 18.10 -3.42 -12.87
C SER A 3 18.25 -1.95 -12.51
N PHE A 4 18.01 -1.61 -11.23
CA PHE A 4 18.03 -0.22 -10.75
C PHE A 4 18.65 -0.23 -9.35
N VAL A 5 19.93 -0.59 -9.27
CA VAL A 5 20.56 -0.88 -7.96
C VAL A 5 20.51 0.34 -7.03
N GLU A 6 20.57 1.56 -7.58
CA GLU A 6 20.57 2.76 -6.74
C GLU A 6 19.23 2.99 -6.04
N MET A 7 18.16 2.35 -6.50
CA MET A 7 16.87 2.48 -5.84
C MET A 7 16.56 1.32 -4.91
N VAL A 8 17.35 0.24 -4.94
CA VAL A 8 17.09 -0.87 -4.03
C VAL A 8 17.35 -0.41 -2.60
N ASP A 9 16.45 -0.80 -1.70
CA ASP A 9 16.54 -0.47 -0.29
C ASP A 9 16.34 1.02 0.00
N ASN A 10 15.65 1.77 -0.88
CA ASN A 10 15.40 3.19 -0.63
C ASN A 10 14.16 3.45 0.24
N LEU A 11 13.52 2.41 0.77
CA LEU A 11 12.38 2.58 1.67
C LEU A 11 12.75 2.15 3.09
N ARG A 12 12.25 2.90 4.07
N ARG A 12 12.23 2.88 4.06
CA ARG A 12 12.36 2.57 5.47
CA ARG A 12 12.34 2.51 5.47
C ARG A 12 10.97 2.64 6.10
C ARG A 12 10.98 2.69 6.13
N GLY A 13 10.85 2.12 7.31
CA GLY A 13 9.55 2.12 7.98
C GLY A 13 9.64 1.58 9.39
N LYS A 14 8.62 1.91 10.17
CA LYS A 14 8.36 1.28 11.45
C LYS A 14 7.07 0.50 11.29
N SER A 15 7.06 -0.75 11.79
CA SER A 15 5.90 -1.63 11.62
C SER A 15 4.60 -0.95 12.04
N GLY A 16 3.60 -1.03 11.15
CA GLY A 16 2.32 -0.41 11.35
C GLY A 16 2.31 1.09 11.13
N GLN A 17 3.44 1.70 10.72
CA GLN A 17 3.46 3.13 10.42
C GLN A 17 3.82 3.42 8.97
N GLY A 18 3.73 2.43 8.08
CA GLY A 18 3.96 2.66 6.66
C GLY A 18 5.42 2.74 6.27
N TYR A 19 5.64 2.89 4.96
CA TYR A 19 6.97 2.89 4.38
C TYR A 19 7.22 4.25 3.76
N TYR A 20 8.41 4.83 3.99
CA TYR A 20 8.70 6.17 3.49
C TYR A 20 10.00 6.15 2.70
N VAL A 21 10.09 7.14 1.82
CA VAL A 21 11.20 7.38 0.92
C VAL A 21 11.74 8.78 1.19
N GLU A 22 13.05 8.95 1.03
CA GLU A 22 13.62 10.28 1.19
C GLU A 22 13.34 11.08 -0.06
N MET A 23 12.88 12.32 0.12
CA MET A 23 12.67 13.22 -1.00
C MET A 23 13.32 14.57 -0.66
N THR A 24 13.55 15.40 -1.68
CA THR A 24 13.90 16.79 -1.43
C THR A 24 12.91 17.69 -2.13
N VAL A 25 12.62 18.84 -1.52
CA VAL A 25 11.75 19.85 -2.08
C VAL A 25 12.48 21.20 -2.04
N GLY A 26 12.22 22.04 -3.06
CA GLY A 26 12.75 23.41 -3.09
C GLY A 26 14.23 23.53 -3.44
N SER A 27 14.67 24.79 -3.58
CA SER A 27 16.06 25.11 -3.89
C SER A 27 16.54 26.16 -2.90
N PRO A 28 17.60 25.90 -2.11
CA PRO A 28 18.38 24.66 -2.08
C PRO A 28 17.51 23.52 -1.52
N PRO A 29 17.88 22.27 -1.78
CA PRO A 29 16.96 21.15 -1.48
C PRO A 29 16.74 20.99 0.02
N GLN A 30 15.48 20.85 0.40
CA GLN A 30 15.12 20.49 1.77
C GLN A 30 14.72 19.01 1.80
N THR A 31 15.44 18.24 2.60
CA THR A 31 15.25 16.79 2.69
C THR A 31 14.09 16.47 3.62
N LEU A 32 13.15 15.61 3.17
CA LEU A 32 12.06 15.14 4.01
C LEU A 32 11.86 13.65 3.77
N ASN A 33 11.37 12.96 4.81
CA ASN A 33 10.94 11.57 4.69
C ASN A 33 9.45 11.54 4.43
N ILE A 34 9.06 10.81 3.38
CA ILE A 34 7.71 10.93 2.82
C ILE A 34 7.11 9.54 2.68
N LEU A 35 5.94 9.36 3.29
CA LEU A 35 5.22 8.09 3.21
C LEU A 35 4.79 7.78 1.77
N VAL A 36 5.09 6.56 1.30
CA VAL A 36 4.73 6.16 -0.05
C VAL A 36 3.30 5.60 0.01
N ASP A 37 2.35 6.28 -0.64
CA ASP A 37 0.94 5.98 -0.44
C ASP A 37 0.23 5.75 -1.78
N THR A 38 0.04 4.46 -2.18
CA THR A 38 -0.72 4.22 -3.40
C THR A 38 -2.22 4.34 -3.18
N GLY A 39 -2.66 4.70 -1.99
CA GLY A 39 -4.08 4.90 -1.77
C GLY A 39 -4.57 6.33 -1.80
N SER A 40 -3.74 7.30 -2.16
CA SER A 40 -4.20 8.69 -2.31
C SER A 40 -3.40 9.34 -3.44
N SER A 41 -3.68 10.63 -3.70
CA SER A 41 -3.10 11.25 -4.89
C SER A 41 -2.55 12.66 -4.70
N ASN A 42 -2.32 13.10 -3.46
CA ASN A 42 -1.72 14.40 -3.17
C ASN A 42 -0.32 14.20 -2.60
N PHE A 43 0.60 15.04 -3.05
CA PHE A 43 1.88 15.23 -2.38
C PHE A 43 1.65 16.31 -1.33
N ALA A 44 1.54 15.91 -0.07
CA ALA A 44 1.26 16.86 1.02
C ALA A 44 2.32 16.71 2.09
N VAL A 45 2.89 17.84 2.55
CA VAL A 45 4.02 17.79 3.48
C VAL A 45 3.77 18.76 4.64
N GLY A 46 4.19 18.35 5.83
CA GLY A 46 4.24 19.25 6.98
C GLY A 46 4.98 20.53 6.62
N ALA A 47 4.39 21.69 6.91
CA ALA A 47 5.02 22.95 6.54
C ALA A 47 5.01 23.95 7.71
N ALA A 48 4.79 23.45 8.91
CA ALA A 48 4.73 24.24 10.12
C ALA A 48 5.23 23.37 11.25
N PRO A 49 5.76 23.98 12.34
CA PRO A 49 6.42 23.20 13.43
C PRO A 49 5.43 22.46 14.33
N HIS A 50 4.75 21.49 13.76
CA HIS A 50 3.97 20.56 14.56
C HIS A 50 4.91 19.78 15.49
N PRO A 51 4.53 19.58 16.76
CA PRO A 51 5.45 18.92 17.71
C PRO A 51 5.90 17.52 17.31
N PHE A 52 5.04 16.72 16.67
CA PHE A 52 5.42 15.37 16.22
C PHE A 52 6.45 15.35 15.07
N LEU A 53 6.70 16.46 14.39
CA LEU A 53 7.46 16.45 13.14
C LEU A 53 8.94 16.57 13.42
N HIS A 54 9.74 15.67 12.81
CA HIS A 54 11.20 15.85 12.84
C HIS A 54 11.61 17.10 12.08
N ARG A 55 10.87 17.48 11.06
CA ARG A 55 11.24 18.59 10.20
C ARG A 55 10.03 18.92 9.34
N TYR A 56 10.13 20.05 8.65
CA TYR A 56 9.00 20.50 7.83
C TYR A 56 9.50 21.41 6.73
N TYR A 57 8.67 21.55 5.73
CA TYR A 57 8.95 22.33 4.53
C TYR A 57 8.88 23.80 4.85
N GLN A 58 9.98 24.51 4.65
CA GLN A 58 10.07 25.94 4.94
C GLN A 58 10.11 26.67 3.59
N ARG A 59 8.92 27.01 3.09
CA ARG A 59 8.80 27.58 1.76
C ARG A 59 9.58 28.87 1.60
N GLN A 60 9.66 29.67 2.67
CA GLN A 60 10.41 30.91 2.61
C GLN A 60 11.86 30.68 2.24
N LEU A 61 12.40 29.48 2.48
CA LEU A 61 13.81 29.19 2.21
C LEU A 61 14.05 28.72 0.77
N SER A 62 13.01 28.58 -0.04
CA SER A 62 13.14 28.01 -1.37
C SER A 62 12.99 29.11 -2.40
N SER A 63 14.06 29.33 -3.19
CA SER A 63 13.97 30.29 -4.29
C SER A 63 13.04 29.83 -5.42
N THR A 64 12.66 28.54 -5.47
CA THR A 64 11.86 28.05 -6.60
C THR A 64 10.39 27.82 -6.28
N TYR A 65 9.98 28.07 -5.04
CA TYR A 65 8.58 27.98 -4.66
C TYR A 65 7.72 28.95 -5.44
N ARG A 66 6.61 28.45 -5.97
CA ARG A 66 5.59 29.26 -6.62
C ARG A 66 4.26 29.02 -5.93
N ASP A 67 3.65 30.09 -5.45
CA ASP A 67 2.39 30.04 -4.71
C ASP A 67 1.25 29.91 -5.68
N LEU A 68 0.34 28.98 -5.42
CA LEU A 68 -0.83 28.83 -6.27
C LEU A 68 -2.02 29.63 -5.76
N ARG A 69 -1.87 30.30 -4.62
CA ARG A 69 -2.90 31.17 -4.06
C ARG A 69 -4.22 30.43 -3.92
N LYS A 70 -4.15 29.20 -3.43
CA LYS A 70 -5.32 28.38 -3.25
C LYS A 70 -5.07 27.50 -2.03
N GLY A 71 -6.09 27.36 -1.20
CA GLY A 71 -6.03 26.47 -0.06
C GLY A 71 -6.70 25.14 -0.38
N VAL A 72 -6.46 24.16 0.48
CA VAL A 72 -7.06 22.85 0.32
C VAL A 72 -7.36 22.31 1.71
N TYR A 73 -8.59 21.82 1.90
CA TYR A 73 -9.06 21.31 3.17
C TYR A 73 -9.43 19.85 2.94
N VAL A 74 -8.88 18.95 3.76
CA VAL A 74 -8.98 17.53 3.43
C VAL A 74 -9.40 16.74 4.65
N PRO A 75 -10.70 16.64 4.91
CA PRO A 75 -11.17 15.78 5.99
C PRO A 75 -11.22 14.33 5.53
N TYR A 76 -11.21 13.45 6.51
CA TYR A 76 -11.42 12.03 6.32
C TYR A 76 -11.82 11.48 7.68
N THR A 77 -11.64 10.20 7.88
CA THR A 77 -11.76 9.67 9.24
C THR A 77 -10.71 8.58 9.39
N GLN A 78 -10.03 8.59 10.54
CA GLN A 78 -10.19 9.68 11.50
C GLN A 78 -9.22 10.80 11.16
N GLY A 79 -9.73 12.03 11.06
CA GLY A 79 -8.86 13.20 11.01
C GLY A 79 -8.96 14.12 9.82
N LYS A 80 -7.92 14.94 9.63
CA LYS A 80 -7.99 16.02 8.66
C LYS A 80 -6.60 16.63 8.48
N TRP A 81 -6.34 17.12 7.27
CA TRP A 81 -5.25 18.06 7.09
C TRP A 81 -5.75 19.20 6.20
N GLU A 82 -5.15 20.39 6.42
CA GLU A 82 -5.44 21.58 5.66
C GLU A 82 -4.12 22.19 5.20
N GLY A 83 -4.14 22.78 4.02
CA GLY A 83 -2.89 23.33 3.56
C GLY A 83 -3.05 24.37 2.48
N GLU A 84 -1.91 24.80 1.99
CA GLU A 84 -1.81 25.82 0.97
C GLU A 84 -1.10 25.18 -0.19
N LEU A 85 -1.62 25.38 -1.41
CA LEU A 85 -1.05 24.76 -2.59
C LEU A 85 0.00 25.66 -3.23
N GLY A 86 1.04 25.02 -3.76
CA GLY A 86 2.07 25.68 -4.55
C GLY A 86 2.75 24.64 -5.42
N THR A 87 3.79 25.07 -6.14
CA THR A 87 4.70 24.15 -6.82
C THR A 87 6.13 24.47 -6.41
N ASP A 88 7.01 23.50 -6.61
CA ASP A 88 8.42 23.62 -6.31
C ASP A 88 9.14 22.44 -6.95
N LEU A 89 10.46 22.50 -6.94
CA LEU A 89 11.29 21.47 -7.55
C LEU A 89 11.46 20.32 -6.56
N VAL A 90 11.18 19.12 -7.03
CA VAL A 90 11.17 17.92 -6.22
C VAL A 90 12.08 16.89 -6.85
N SER A 91 12.87 16.22 -6.02
CA SER A 91 13.74 15.13 -6.42
C SER A 91 13.60 13.99 -5.43
N ILE A 92 13.96 12.80 -5.89
CA ILE A 92 14.09 11.62 -5.04
C ILE A 92 15.55 11.21 -5.06
N PRO A 93 16.34 11.53 -4.01
CA PRO A 93 17.77 11.22 -4.04
C PRO A 93 18.08 9.77 -4.41
N HIS A 94 17.38 8.78 -3.87
CA HIS A 94 17.61 7.38 -4.25
C HIS A 94 16.54 6.90 -5.22
N GLY A 95 16.28 7.76 -6.20
CA GLY A 95 15.33 7.50 -7.27
C GLY A 95 15.97 7.90 -8.58
N PRO A 96 15.17 8.20 -9.59
CA PRO A 96 15.74 8.66 -10.86
C PRO A 96 16.49 9.97 -10.70
N ASN A 97 17.47 10.19 -11.58
N ASN A 97 17.47 10.18 -11.57
CA ASN A 97 18.33 11.37 -11.51
CA ASN A 97 18.31 11.38 -11.53
C ASN A 97 17.70 12.53 -12.30
C ASN A 97 17.65 12.48 -12.36
N VAL A 98 16.51 12.92 -11.86
CA VAL A 98 15.73 13.98 -12.49
C VAL A 98 15.20 14.89 -11.39
N THR A 99 14.68 16.04 -11.82
CA THR A 99 14.05 17.01 -10.95
C THR A 99 12.81 17.51 -11.65
N VAL A 100 11.70 17.54 -10.94
CA VAL A 100 10.40 17.86 -11.51
C VAL A 100 9.81 19.02 -10.72
N ARG A 101 9.02 19.86 -11.40
CA ARG A 101 8.22 20.88 -10.73
C ARG A 101 6.88 20.24 -10.42
N ALA A 102 6.62 19.97 -9.15
CA ALA A 102 5.40 19.25 -8.73
C ALA A 102 4.53 20.12 -7.85
N ASN A 103 3.22 19.85 -7.89
CA ASN A 103 2.33 20.40 -6.86
C ASN A 103 2.73 19.89 -5.48
N ILE A 104 2.72 20.79 -4.49
CA ILE A 104 2.93 20.42 -3.10
C ILE A 104 1.84 21.10 -2.28
N ALA A 105 1.12 20.32 -1.45
CA ALA A 105 0.28 20.93 -0.43
C ALA A 105 1.11 21.14 0.83
N ALA A 106 1.28 22.41 1.22
CA ALA A 106 2.00 22.75 2.45
C ALA A 106 1.00 22.65 3.59
N ILE A 107 1.14 21.63 4.42
CA ILE A 107 0.19 21.40 5.50
C ILE A 107 0.47 22.38 6.63
N THR A 108 -0.54 23.18 6.94
CA THR A 108 -0.47 24.20 7.99
C THR A 108 -1.33 23.88 9.21
N GLU A 109 -2.15 22.82 9.15
CA GLU A 109 -3.00 22.45 10.27
C GLU A 109 -3.48 21.02 10.05
N SER A 110 -3.39 20.16 11.05
CA SER A 110 -3.86 18.80 10.84
C SER A 110 -4.33 18.20 12.16
N ASP A 111 -5.10 17.13 12.05
N ASP A 111 -5.08 17.11 12.07
CA ASP A 111 -5.65 16.40 13.20
CA ASP A 111 -5.58 16.41 13.23
C ASP A 111 -5.52 14.90 12.91
C ASP A 111 -5.55 14.91 12.95
N LYS A 112 -4.90 14.17 13.83
CA LYS A 112 -4.75 12.71 13.72
C LYS A 112 -4.14 12.26 12.39
N PHE A 113 -3.28 13.11 11.82
CA PHE A 113 -2.56 12.85 10.58
C PHE A 113 -1.13 12.42 10.85
N PHE A 114 -0.34 13.30 11.46
CA PHE A 114 1.03 12.94 11.78
C PHE A 114 1.01 12.01 12.98
N ILE A 115 1.96 11.09 13.03
CA ILE A 115 2.02 10.09 14.10
C ILE A 115 3.14 10.47 15.08
N ASN A 116 2.85 10.41 16.37
CA ASN A 116 3.84 10.79 17.38
C ASN A 116 4.94 9.72 17.49
N GLY A 117 6.16 10.07 17.14
CA GLY A 117 7.21 9.06 17.14
C GLY A 117 7.53 8.49 15.76
N SER A 118 6.82 8.89 14.72
CA SER A 118 7.16 8.38 13.38
C SER A 118 8.25 9.25 12.75
N ASN A 119 8.90 8.69 11.74
CA ASN A 119 10.00 9.37 11.07
C ASN A 119 9.62 9.92 9.70
N TRP A 120 8.34 10.07 9.40
CA TRP A 120 7.99 10.72 8.14
C TRP A 120 7.22 12.02 8.41
N GLU A 121 7.32 12.94 7.45
CA GLU A 121 6.80 14.31 7.61
C GLU A 121 5.83 14.69 6.49
N GLY A 122 5.44 13.75 5.64
CA GLY A 122 4.49 14.06 4.59
C GLY A 122 4.19 12.78 3.85
N ILE A 123 3.31 12.87 2.85
CA ILE A 123 2.84 11.67 2.15
C ILE A 123 2.91 11.90 0.65
N LEU A 124 3.23 10.84 -0.08
CA LEU A 124 3.37 10.91 -1.53
C LEU A 124 2.22 10.11 -2.10
N GLY A 125 1.20 10.82 -2.56
CA GLY A 125 0.03 10.11 -3.05
C GLY A 125 0.32 9.68 -4.48
N LEU A 126 0.40 8.38 -4.72
CA LEU A 126 0.81 7.86 -6.02
C LEU A 126 -0.37 7.40 -6.87
N ALA A 127 -1.61 7.57 -6.38
CA ALA A 127 -2.78 7.20 -7.17
C ALA A 127 -3.13 8.34 -8.14
N TYR A 128 -4.32 8.25 -8.76
CA TYR A 128 -4.62 9.04 -9.94
C TYR A 128 -5.35 10.35 -9.61
N ALA A 129 -5.34 11.26 -10.59
CA ALA A 129 -5.89 12.61 -10.39
C ALA A 129 -7.36 12.60 -9.99
N GLU A 130 -8.10 11.54 -10.33
N GLU A 130 -8.12 11.56 -10.35
CA GLU A 130 -9.53 11.49 -10.04
CA GLU A 130 -9.54 11.54 -10.03
C GLU A 130 -9.86 11.57 -8.54
C GLU A 130 -9.80 11.74 -8.53
N ILE A 131 -8.92 11.24 -7.66
CA ILE A 131 -9.12 11.37 -6.22
C ILE A 131 -8.17 12.38 -5.59
N ALA A 132 -7.49 13.18 -6.40
CA ALA A 132 -6.72 14.28 -5.84
C ALA A 132 -7.63 15.31 -5.18
N ARG A 133 -7.07 16.03 -4.19
CA ARG A 133 -7.78 17.16 -3.59
C ARG A 133 -7.11 18.47 -4.02
N PRO A 134 -7.91 19.52 -4.30
CA PRO A 134 -9.36 19.56 -4.15
C PRO A 134 -10.15 18.89 -5.29
N ASP A 135 -9.51 18.73 -6.44
CA ASP A 135 -10.17 18.20 -7.63
C ASP A 135 -9.12 17.60 -8.56
N ASP A 136 -9.61 16.97 -9.61
CA ASP A 136 -8.72 16.25 -10.51
C ASP A 136 -7.88 17.17 -11.39
N SER A 137 -7.96 18.49 -11.24
CA SER A 137 -7.03 19.31 -11.99
C SER A 137 -5.73 19.55 -11.25
N LEU A 138 -5.63 19.13 -9.99
CA LEU A 138 -4.35 19.20 -9.28
C LEU A 138 -3.55 17.96 -9.69
N GLU A 139 -2.63 18.13 -10.63
CA GLU A 139 -1.83 17.03 -11.16
C GLU A 139 -1.03 16.30 -10.08
N PRO A 140 -1.18 14.98 -9.92
CA PRO A 140 -0.38 14.25 -8.93
C PRO A 140 1.09 14.20 -9.32
N PHE A 141 1.92 13.94 -8.30
CA PHE A 141 3.37 13.91 -8.48
C PHE A 141 3.79 13.02 -9.65
N PHE A 142 3.30 11.77 -9.69
CA PHE A 142 3.84 10.85 -10.67
C PHE A 142 3.45 11.25 -12.09
N ASP A 143 2.25 11.78 -12.26
CA ASP A 143 1.86 12.40 -13.52
C ASP A 143 2.85 13.50 -13.96
N SER A 144 3.18 14.44 -13.06
CA SER A 144 4.18 15.45 -13.39
C SER A 144 5.52 14.82 -13.75
N LEU A 145 5.92 13.79 -12.99
CA LEU A 145 7.22 13.16 -13.22
C LEU A 145 7.30 12.62 -14.64
N VAL A 146 6.23 11.94 -15.07
CA VAL A 146 6.21 11.33 -16.39
C VAL A 146 6.08 12.39 -17.48
N LYS A 147 5.31 13.46 -17.22
CA LYS A 147 5.17 14.52 -18.23
C LYS A 147 6.49 15.23 -18.48
N GLN A 148 7.23 15.51 -17.43
CA GLN A 148 8.37 16.40 -17.52
C GLN A 148 9.68 15.66 -17.75
N THR A 149 9.70 14.34 -17.73
CA THR A 149 10.97 13.63 -17.86
C THR A 149 10.78 12.46 -18.82
N HIS A 150 11.81 11.66 -18.97
CA HIS A 150 11.67 10.41 -19.72
C HIS A 150 11.48 9.19 -18.82
N VAL A 151 11.16 9.39 -17.54
CA VAL A 151 10.92 8.21 -16.69
C VAL A 151 9.70 7.45 -17.20
N PRO A 152 9.82 6.14 -17.46
CA PRO A 152 8.67 5.37 -17.95
C PRO A 152 7.51 5.40 -16.98
N ASN A 153 6.28 5.30 -17.51
CA ASN A 153 5.07 5.45 -16.70
C ASN A 153 4.76 4.16 -15.93
N LEU A 154 5.64 3.84 -14.98
CA LEU A 154 5.35 2.75 -14.04
C LEU A 154 6.31 2.83 -12.86
N PHE A 155 5.89 2.24 -11.74
CA PHE A 155 6.75 2.11 -10.58
C PHE A 155 6.43 0.78 -9.92
N SER A 156 7.35 0.27 -9.11
CA SER A 156 7.07 -0.98 -8.44
C SER A 156 7.54 -0.90 -6.99
N LEU A 157 6.92 -1.73 -6.15
CA LEU A 157 7.11 -1.67 -4.71
C LEU A 157 7.41 -3.05 -4.16
N GLN A 158 8.49 -3.14 -3.38
CA GLN A 158 8.83 -4.33 -2.61
C GLN A 158 8.83 -3.87 -1.16
N LEU A 159 7.77 -4.18 -0.41
CA LEU A 159 7.69 -3.85 0.99
C LEU A 159 8.14 -5.07 1.81
N CYS A 160 9.20 -4.92 2.61
CA CYS A 160 9.73 -6.03 3.41
C CYS A 160 9.34 -5.84 4.88
N GLY A 161 8.48 -6.69 5.39
CA GLY A 161 8.02 -6.62 6.77
C GLY A 161 9.03 -7.18 7.77
N ALA A 162 8.54 -7.42 8.98
CA ALA A 162 9.42 -7.90 10.05
C ALA A 162 8.73 -8.93 10.94
N SER A 174 12.57 -2.92 12.60
CA SER A 174 12.57 -1.81 11.65
C SER A 174 12.45 -2.37 10.23
N VAL A 175 11.42 -1.96 9.47
CA VAL A 175 11.16 -2.53 8.16
C VAL A 175 11.85 -1.71 7.06
N GLY A 176 11.83 -2.25 5.84
CA GLY A 176 12.37 -1.54 4.69
C GLY A 176 11.82 -2.13 3.41
N GLY A 177 12.42 -1.73 2.30
CA GLY A 177 11.98 -2.23 1.02
C GLY A 177 12.45 -1.30 -0.10
N SER A 178 11.78 -1.40 -1.23
CA SER A 178 12.29 -0.75 -2.42
C SER A 178 11.14 -0.18 -3.22
N MET A 179 11.31 1.07 -3.66
CA MET A 179 10.43 1.70 -4.64
C MET A 179 11.24 1.95 -5.91
N ILE A 180 10.94 1.19 -6.96
CA ILE A 180 11.67 1.28 -8.22
C ILE A 180 10.84 2.17 -9.11
N ILE A 181 11.31 3.39 -9.36
CA ILE A 181 10.55 4.39 -10.10
C ILE A 181 10.95 4.27 -11.57
N GLY A 182 9.98 3.99 -12.43
CA GLY A 182 10.24 3.90 -13.85
C GLY A 182 10.59 2.51 -14.35
N GLY A 183 10.40 1.47 -13.55
CA GLY A 183 10.73 0.15 -14.05
C GLY A 183 10.66 -0.91 -12.99
N ILE A 184 11.27 -2.03 -13.31
CA ILE A 184 11.22 -3.25 -12.52
C ILE A 184 12.65 -3.71 -12.26
N ASP A 185 12.91 -4.27 -11.08
CA ASP A 185 14.23 -4.84 -10.80
C ASP A 185 14.00 -6.33 -10.55
N HIS A 186 14.52 -7.17 -11.45
CA HIS A 186 14.16 -8.59 -11.37
C HIS A 186 14.80 -9.28 -10.19
N SER A 187 15.75 -8.65 -9.51
CA SER A 187 16.25 -9.25 -8.27
C SER A 187 15.21 -9.23 -7.16
N LEU A 188 14.18 -8.41 -7.27
CA LEU A 188 13.29 -8.21 -6.13
C LEU A 188 12.19 -9.26 -6.05
N TYR A 189 12.15 -10.21 -7.00
CA TYR A 189 11.10 -11.22 -7.02
C TYR A 189 11.63 -12.54 -7.62
N THR A 190 10.92 -13.61 -7.27
CA THR A 190 11.18 -14.94 -7.77
C THR A 190 9.99 -15.39 -8.61
N GLY A 191 10.24 -16.26 -9.58
CA GLY A 191 9.15 -16.76 -10.39
C GLY A 191 8.70 -15.68 -11.36
N SER A 192 7.44 -15.77 -11.77
CA SER A 192 6.90 -14.91 -12.80
C SER A 192 5.99 -13.83 -12.21
N LEU A 193 5.93 -12.69 -12.89
CA LEU A 193 4.90 -11.68 -12.65
C LEU A 193 3.60 -12.13 -13.29
N TRP A 194 2.48 -11.94 -12.57
CA TRP A 194 1.13 -12.10 -13.10
C TRP A 194 0.39 -10.78 -12.99
N TYR A 195 -0.38 -10.43 -14.03
CA TYR A 195 -1.01 -9.11 -14.10
C TYR A 195 -2.52 -9.19 -13.97
N THR A 196 -3.08 -8.25 -13.20
CA THR A 196 -4.51 -8.03 -13.09
C THR A 196 -4.82 -6.61 -13.60
N PRO A 197 -5.94 -6.43 -14.31
CA PRO A 197 -6.22 -5.11 -14.90
C PRO A 197 -6.51 -4.06 -13.82
N ILE A 198 -6.01 -2.84 -14.05
CA ILE A 198 -6.52 -1.73 -13.24
C ILE A 198 -7.92 -1.43 -13.78
N ARG A 199 -8.93 -1.67 -12.97
CA ARG A 199 -10.31 -1.55 -13.47
C ARG A 199 -10.63 -0.13 -13.87
N ARG A 200 -10.13 0.83 -13.11
CA ARG A 200 -10.41 2.22 -13.37
C ARG A 200 -9.33 3.02 -12.66
N GLU A 201 -8.90 4.09 -13.30
CA GLU A 201 -7.78 4.91 -12.83
C GLU A 201 -8.29 5.95 -11.85
N TRP A 202 -8.42 5.56 -10.59
CA TRP A 202 -8.69 6.56 -9.56
C TRP A 202 -7.85 6.15 -8.35
N TYR A 203 -8.35 5.25 -7.52
CA TYR A 203 -7.47 4.35 -6.79
C TYR A 203 -6.84 3.35 -7.76
N TYR A 204 -5.92 2.52 -7.24
CA TYR A 204 -5.45 1.37 -8.00
C TYR A 204 -6.46 0.25 -7.79
N GLU A 205 -7.54 0.32 -8.55
CA GLU A 205 -8.69 -0.55 -8.34
C GLU A 205 -8.51 -1.85 -9.12
N VAL A 206 -8.75 -2.98 -8.46
CA VAL A 206 -8.67 -4.31 -9.08
C VAL A 206 -9.94 -5.07 -8.77
N ILE A 207 -10.08 -6.27 -9.35
CA ILE A 207 -11.27 -7.08 -9.12
C ILE A 207 -10.84 -8.45 -8.59
N ILE A 208 -11.32 -8.79 -7.39
CA ILE A 208 -11.09 -10.10 -6.80
C ILE A 208 -12.23 -11.01 -7.25
N VAL A 209 -11.89 -12.20 -7.71
CA VAL A 209 -12.88 -13.08 -8.32
C VAL A 209 -13.13 -14.33 -7.50
N ARG A 210 -12.27 -14.68 -6.57
CA ARG A 210 -12.51 -15.81 -5.70
C ARG A 210 -11.59 -15.68 -4.49
N VAL A 211 -12.05 -16.16 -3.35
CA VAL A 211 -11.28 -16.12 -2.11
C VAL A 211 -11.28 -17.52 -1.51
N GLU A 212 -10.10 -18.04 -1.20
CA GLU A 212 -9.97 -19.32 -0.51
C GLU A 212 -9.26 -19.12 0.81
N ILE A 213 -9.74 -19.81 1.85
CA ILE A 213 -9.04 -19.95 3.13
C ILE A 213 -8.54 -21.38 3.21
N ASN A 214 -7.22 -21.54 3.21
CA ASN A 214 -6.61 -22.87 3.24
C ASN A 214 -7.12 -23.75 2.10
N GLY A 215 -7.37 -23.12 0.94
CA GLY A 215 -7.88 -23.81 -0.21
C GLY A 215 -9.39 -23.99 -0.24
N GLN A 216 -10.13 -23.51 0.76
CA GLN A 216 -11.57 -23.67 0.80
C GLN A 216 -12.26 -22.39 0.35
N ASP A 217 -13.08 -22.51 -0.68
CA ASP A 217 -13.75 -21.37 -1.27
C ASP A 217 -14.77 -20.78 -0.29
N LEU A 218 -14.82 -19.45 -0.18
CA LEU A 218 -15.87 -18.84 0.63
C LEU A 218 -17.22 -18.89 -0.07
N LYS A 219 -17.24 -19.15 -1.37
CA LYS A 219 -18.44 -19.35 -2.17
C LYS A 219 -19.41 -18.18 -2.07
N MET A 220 -18.92 -16.97 -1.84
CA MET A 220 -19.81 -15.82 -1.87
C MET A 220 -19.96 -15.33 -3.29
N ASP A 221 -21.10 -14.70 -3.58
CA ASP A 221 -21.20 -13.96 -4.83
C ASP A 221 -20.01 -13.03 -4.96
N CYS A 222 -19.17 -13.23 -5.99
CA CYS A 222 -17.89 -12.54 -6.02
C CYS A 222 -18.05 -11.02 -6.01
N LYS A 223 -19.25 -10.49 -6.30
CA LYS A 223 -19.46 -9.05 -6.22
C LYS A 223 -19.25 -8.56 -4.79
N GLU A 224 -19.48 -9.45 -3.83
CA GLU A 224 -19.24 -9.11 -2.43
C GLU A 224 -17.76 -8.80 -2.17
N TYR A 225 -16.84 -9.50 -2.85
CA TYR A 225 -15.41 -9.28 -2.61
C TYR A 225 -14.98 -7.88 -3.00
N ASN A 226 -15.76 -7.19 -3.83
CA ASN A 226 -15.43 -5.89 -4.38
C ASN A 226 -16.51 -4.85 -4.08
N TYR A 227 -17.16 -5.01 -2.92
CA TYR A 227 -18.23 -4.11 -2.49
C TYR A 227 -17.61 -3.08 -1.54
N ASP A 228 -17.47 -1.83 -1.97
CA ASP A 228 -17.88 -1.30 -3.25
C ASP A 228 -16.71 -1.17 -4.21
N LYS A 229 -15.52 -1.56 -3.75
CA LYS A 229 -14.32 -1.57 -4.58
C LYS A 229 -13.26 -2.43 -3.90
N SER A 230 -12.20 -2.74 -4.66
CA SER A 230 -11.03 -3.42 -4.11
C SER A 230 -9.81 -2.66 -4.61
N ILE A 231 -8.89 -2.29 -3.72
CA ILE A 231 -7.77 -1.44 -4.12
C ILE A 231 -6.48 -2.00 -3.53
N VAL A 232 -5.38 -1.60 -4.15
CA VAL A 232 -4.04 -1.93 -3.66
C VAL A 232 -3.50 -0.65 -3.03
N ASP A 233 -3.16 -0.69 -1.74
CA ASP A 233 -2.91 0.54 -0.96
C ASP A 233 -1.73 0.36 -0.01
N SER A 234 -0.56 0.85 -0.41
CA SER A 234 0.62 0.82 0.45
C SER A 234 0.49 1.69 1.70
N GLY A 235 -0.50 2.57 1.75
CA GLY A 235 -0.71 3.43 2.90
C GLY A 235 -1.74 2.89 3.87
N THR A 236 -2.07 1.60 3.78
CA THR A 236 -2.90 0.93 4.77
C THR A 236 -2.12 -0.26 5.29
N THR A 237 -2.16 -0.47 6.60
CA THR A 237 -1.41 -1.57 7.18
C THR A 237 -2.10 -2.92 6.90
N ASN A 238 -3.41 -2.97 7.08
CA ASN A 238 -4.17 -4.21 7.15
C ASN A 238 -4.62 -4.70 5.77
N LEU A 239 -4.98 -5.98 5.71
CA LEU A 239 -5.92 -6.43 4.69
C LEU A 239 -7.31 -6.11 5.21
N ARG A 240 -8.00 -5.20 4.56
CA ARG A 240 -9.34 -4.82 4.95
C ARG A 240 -10.33 -5.49 3.99
N LEU A 241 -11.35 -6.17 4.55
CA LEU A 241 -12.35 -6.90 3.77
C LEU A 241 -13.75 -6.34 4.01
N PRO A 242 -14.61 -6.23 2.98
CA PRO A 242 -15.96 -5.72 3.21
C PRO A 242 -16.61 -6.52 4.33
N LYS A 243 -17.50 -5.85 5.08
CA LYS A 243 -18.03 -6.46 6.31
C LYS A 243 -18.49 -7.89 6.07
N LYS A 244 -19.39 -8.10 5.09
CA LYS A 244 -19.96 -9.43 4.90
C LYS A 244 -18.88 -10.44 4.56
N VAL A 245 -17.89 -10.04 3.75
CA VAL A 245 -16.78 -10.91 3.42
C VAL A 245 -15.91 -11.16 4.63
N PHE A 246 -15.69 -10.11 5.45
CA PHE A 246 -14.91 -10.28 6.66
C PHE A 246 -15.59 -11.27 7.61
N GLU A 247 -16.90 -11.14 7.80
CA GLU A 247 -17.58 -12.09 8.69
C GLU A 247 -17.35 -13.52 8.22
N ALA A 248 -17.63 -13.77 6.92
CA ALA A 248 -17.39 -15.10 6.36
C ALA A 248 -15.94 -15.50 6.51
N ALA A 249 -15.03 -14.55 6.35
CA ALA A 249 -13.60 -14.86 6.34
C ALA A 249 -13.10 -15.26 7.74
N VAL A 250 -13.39 -14.45 8.76
CA VAL A 250 -12.95 -14.83 10.12
C VAL A 250 -13.54 -16.19 10.51
N ALA A 251 -14.86 -16.35 10.29
CA ALA A 251 -15.53 -17.60 10.63
C ALA A 251 -14.75 -18.78 10.07
N SER A 252 -14.37 -18.70 8.79
CA SER A 252 -13.56 -19.76 8.21
C SER A 252 -12.17 -19.81 8.84
N ILE A 253 -11.58 -18.66 9.14
CA ILE A 253 -10.26 -18.66 9.76
C ILE A 253 -10.34 -19.16 11.21
N LYS A 254 -11.34 -18.68 11.96
CA LYS A 254 -11.61 -19.25 13.28
C LYS A 254 -11.65 -20.78 13.23
N ALA A 255 -12.42 -21.33 12.29
CA ALA A 255 -12.58 -22.77 12.19
C ALA A 255 -11.24 -23.46 11.89
N ALA A 256 -10.53 -22.96 10.88
CA ALA A 256 -9.23 -23.52 10.54
C ALA A 256 -8.27 -23.48 11.74
N SER A 257 -8.42 -22.48 12.62
CA SER A 257 -7.45 -22.24 13.68
C SER A 257 -7.95 -22.71 15.04
N SER A 258 -8.98 -23.53 15.07
CA SER A 258 -9.61 -23.84 16.34
C SER A 258 -8.81 -24.81 17.21
N THR A 259 -7.65 -25.33 16.76
CA THR A 259 -6.86 -26.17 17.66
C THR A 259 -6.41 -25.37 18.88
N GLU A 260 -6.26 -24.06 18.72
CA GLU A 260 -6.02 -23.15 19.83
C GLU A 260 -7.17 -22.14 19.87
N LYS A 261 -7.44 -21.62 21.06
CA LYS A 261 -8.55 -20.71 21.24
C LYS A 261 -8.02 -19.32 21.57
N PHE A 262 -8.71 -18.31 21.06
CA PHE A 262 -8.32 -16.92 21.25
C PHE A 262 -9.55 -16.13 21.62
N PRO A 263 -9.39 -15.05 22.38
CA PRO A 263 -10.55 -14.23 22.76
C PRO A 263 -11.28 -13.75 21.51
N ASP A 264 -12.61 -13.69 21.62
CA ASP A 264 -13.43 -13.16 20.52
C ASP A 264 -12.96 -11.78 20.10
N GLY A 265 -12.45 -10.98 21.05
CA GLY A 265 -11.96 -9.65 20.72
C GLY A 265 -10.73 -9.67 19.84
N PHE A 266 -9.91 -10.71 19.94
CA PHE A 266 -8.72 -10.81 19.09
C PHE A 266 -9.07 -10.69 17.61
N TRP A 267 -10.00 -11.52 17.15
CA TRP A 267 -10.43 -11.50 15.75
C TRP A 267 -11.01 -10.16 15.32
N LEU A 268 -11.42 -9.32 16.27
CA LEU A 268 -11.92 -7.98 15.95
C LEU A 268 -10.85 -6.90 16.09
N GLY A 269 -9.59 -7.30 16.29
CA GLY A 269 -8.51 -6.36 16.48
C GLY A 269 -8.55 -5.61 17.80
N GLU A 270 -9.48 -5.96 18.70
CA GLU A 270 -9.68 -5.23 19.95
C GLU A 270 -8.72 -5.64 21.06
N GLN A 271 -7.98 -6.73 20.88
CA GLN A 271 -6.96 -7.13 21.84
C GLN A 271 -5.94 -8.02 21.13
N LEU A 272 -4.76 -8.09 21.70
CA LEU A 272 -3.69 -8.88 21.11
C LEU A 272 -3.74 -10.30 21.60
N VAL A 273 -2.93 -11.13 20.98
CA VAL A 273 -2.65 -12.48 21.44
C VAL A 273 -1.14 -12.64 21.45
N CYS A 274 -0.65 -13.44 22.39
CA CYS A 274 0.79 -13.59 22.58
C CYS A 274 1.16 -15.06 22.69
N TRP A 275 2.43 -15.33 22.39
CA TRP A 275 3.05 -16.62 22.65
C TRP A 275 4.48 -16.31 23.04
N GLN A 276 5.10 -17.24 23.76
CA GLN A 276 6.49 -17.04 24.14
C GLN A 276 7.36 -17.08 22.87
N ALA A 277 8.57 -16.52 22.95
CA ALA A 277 9.39 -16.36 21.75
C ALA A 277 9.76 -17.71 21.14
N GLY A 278 9.75 -17.77 19.81
CA GLY A 278 9.93 -19.01 19.08
C GLY A 278 8.76 -19.96 19.10
N THR A 279 7.68 -19.60 19.81
CA THR A 279 6.57 -20.49 20.11
C THR A 279 5.31 -20.13 19.33
N THR A 280 5.39 -19.27 18.34
CA THR A 280 4.20 -18.93 17.59
C THR A 280 3.78 -20.12 16.75
N PRO A 281 2.53 -20.57 16.87
CA PRO A 281 2.02 -21.72 16.10
C PRO A 281 1.53 -21.26 14.73
N TRP A 282 2.47 -21.07 13.80
CA TRP A 282 2.09 -20.60 12.47
C TRP A 282 1.10 -21.55 11.80
N ASN A 283 1.35 -22.87 11.91
CA ASN A 283 0.64 -23.86 11.11
C ASN A 283 -0.80 -24.08 11.52
N ILE A 284 -1.18 -23.75 12.76
CA ILE A 284 -2.61 -23.77 13.07
C ILE A 284 -3.34 -22.75 12.19
N PHE A 285 -2.60 -21.81 11.59
CA PHE A 285 -3.31 -20.76 10.88
C PHE A 285 -3.34 -21.04 9.37
N PRO A 286 -4.48 -20.76 8.75
CA PRO A 286 -4.63 -21.05 7.31
C PRO A 286 -3.95 -20.01 6.44
N VAL A 287 -3.58 -20.44 5.23
CA VAL A 287 -3.21 -19.48 4.20
C VAL A 287 -4.47 -18.82 3.64
N ILE A 288 -4.27 -17.69 2.99
CA ILE A 288 -5.38 -16.91 2.45
C ILE A 288 -5.04 -16.62 1.00
N SER A 289 -5.95 -16.98 0.10
CA SER A 289 -5.71 -16.87 -1.33
C SER A 289 -6.75 -15.94 -1.91
N LEU A 290 -6.30 -14.90 -2.63
CA LEU A 290 -7.17 -14.08 -3.43
C LEU A 290 -6.88 -14.40 -4.88
N TYR A 291 -7.92 -14.78 -5.62
CA TYR A 291 -7.83 -14.92 -7.07
C TYR A 291 -8.14 -13.57 -7.65
N LEU A 292 -7.29 -13.09 -8.56
CA LEU A 292 -7.51 -11.82 -9.20
C LEU A 292 -7.87 -12.05 -10.66
N MET A 293 -8.67 -11.13 -11.20
CA MET A 293 -8.95 -11.13 -12.63
C MET A 293 -7.64 -11.12 -13.42
N GLY A 294 -7.56 -11.94 -14.46
CA GLY A 294 -6.36 -11.99 -15.26
C GLY A 294 -6.39 -11.03 -16.43
N GLU A 295 -5.41 -11.18 -17.30
CA GLU A 295 -5.33 -10.36 -18.48
C GLU A 295 -6.23 -10.86 -19.61
N VAL A 296 -6.57 -12.13 -19.59
CA VAL A 296 -7.25 -12.79 -20.69
C VAL A 296 -8.66 -13.13 -20.25
N THR A 297 -9.60 -13.07 -21.20
CA THR A 297 -10.97 -13.49 -20.92
C THR A 297 -11.01 -14.86 -20.27
N ASN A 298 -11.79 -14.96 -19.18
CA ASN A 298 -12.00 -16.21 -18.43
C ASN A 298 -10.72 -16.74 -17.76
N GLN A 299 -9.67 -15.93 -17.62
CA GLN A 299 -8.42 -16.39 -17.02
C GLN A 299 -8.13 -15.59 -15.74
N SER A 300 -7.76 -16.29 -14.66
CA SER A 300 -7.39 -15.62 -13.42
C SER A 300 -6.06 -16.15 -12.93
N PHE A 301 -5.58 -15.59 -11.84
CA PHE A 301 -4.43 -16.13 -11.12
C PHE A 301 -4.70 -15.90 -9.65
N ARG A 302 -3.85 -16.46 -8.79
CA ARG A 302 -4.10 -16.30 -7.36
C ARG A 302 -2.81 -15.95 -6.64
N ILE A 303 -2.95 -15.10 -5.63
CA ILE A 303 -1.85 -14.74 -4.74
C ILE A 303 -2.24 -15.32 -3.38
N THR A 304 -1.25 -15.92 -2.70
CA THR A 304 -1.47 -16.56 -1.41
C THR A 304 -0.56 -15.96 -0.35
N ILE A 305 -1.14 -15.61 0.81
CA ILE A 305 -0.37 -15.05 1.92
C ILE A 305 -0.55 -15.94 3.14
N LEU A 306 0.42 -15.83 4.05
CA LEU A 306 0.64 -16.58 5.26
C LEU A 306 0.15 -15.83 6.48
N PRO A 307 0.00 -16.54 7.62
CA PRO A 307 -0.21 -15.80 8.88
C PRO A 307 0.96 -14.87 9.21
N GLN A 308 2.17 -15.21 8.74
CA GLN A 308 3.31 -14.30 8.83
C GLN A 308 2.96 -12.92 8.28
N GLN A 309 2.06 -12.88 7.31
CA GLN A 309 1.60 -11.61 6.79
C GLN A 309 0.46 -11.03 7.60
N TYR A 310 -0.56 -11.82 7.96
CA TYR A 310 -1.75 -11.20 8.55
C TYR A 310 -1.78 -11.23 10.07
N LEU A 311 -0.77 -11.81 10.71
CA LEU A 311 -0.51 -11.65 12.15
C LEU A 311 0.61 -10.64 12.35
N ARG A 312 0.27 -9.41 12.82
N ARG A 312 0.28 -9.48 12.88
CA ARG A 312 1.33 -8.40 12.80
CA ARG A 312 1.38 -8.55 12.79
C ARG A 312 2.03 -8.32 14.15
C ARG A 312 2.04 -8.33 14.15
N PRO A 313 3.37 -8.38 14.19
CA PRO A 313 4.08 -8.20 15.46
C PRO A 313 3.83 -6.82 16.07
N VAL A 314 3.63 -6.78 17.38
CA VAL A 314 3.43 -5.50 18.06
C VAL A 314 4.48 -5.30 19.16
N SER A 320 5.00 -6.90 28.22
CA SER A 320 5.01 -8.33 27.96
C SER A 320 6.41 -8.84 27.66
N GLN A 321 6.66 -10.12 27.96
CA GLN A 321 7.90 -10.79 27.60
C GLN A 321 7.70 -11.79 26.46
N ASP A 322 6.58 -11.67 25.75
CA ASP A 322 6.16 -12.61 24.72
C ASP A 322 6.09 -11.93 23.36
N ASP A 323 6.00 -12.74 22.31
CA ASP A 323 5.72 -12.26 20.96
C ASP A 323 4.21 -12.04 20.86
N CYS A 324 3.76 -10.79 20.89
CA CYS A 324 2.35 -10.48 20.77
C CYS A 324 2.02 -9.97 19.37
N TYR A 325 0.99 -10.54 18.76
CA TYR A 325 0.60 -10.19 17.41
C TYR A 325 -0.79 -9.58 17.40
N LYS A 326 -1.01 -8.68 16.45
CA LYS A 326 -2.33 -8.17 16.16
C LYS A 326 -2.88 -8.90 14.93
N PHE A 327 -4.17 -9.23 14.98
CA PHE A 327 -4.87 -9.73 13.80
C PHE A 327 -5.10 -8.57 12.86
N ALA A 328 -4.47 -8.65 11.68
CA ALA A 328 -4.37 -7.55 10.74
C ALA A 328 -5.30 -7.69 9.54
N ILE A 329 -6.37 -8.47 9.68
CA ILE A 329 -7.48 -8.45 8.76
C ILE A 329 -8.64 -7.78 9.48
N SER A 330 -9.38 -6.93 8.77
CA SER A 330 -10.39 -6.16 9.50
C SER A 330 -11.50 -5.78 8.54
N GLN A 331 -12.66 -5.49 9.13
CA GLN A 331 -13.80 -5.19 8.29
C GLN A 331 -13.65 -3.80 7.71
N SER A 332 -14.45 -3.52 6.69
CA SER A 332 -14.34 -2.27 5.99
C SER A 332 -15.73 -1.90 5.50
N SER A 333 -15.96 -0.60 5.35
CA SER A 333 -17.12 -0.13 4.61
C SER A 333 -16.71 0.59 3.35
N THR A 334 -15.42 0.60 3.03
CA THR A 334 -14.96 1.22 1.79
C THR A 334 -14.48 0.19 0.79
N GLY A 335 -14.75 -1.10 1.02
CA GLY A 335 -14.34 -2.16 0.12
C GLY A 335 -13.06 -2.82 0.56
N THR A 336 -12.56 -3.70 -0.31
CA THR A 336 -11.35 -4.44 0.04
C THR A 336 -10.14 -3.51 -0.08
N VAL A 337 -9.24 -3.60 0.89
CA VAL A 337 -7.98 -2.85 0.87
C VAL A 337 -6.85 -3.86 1.04
N MET A 338 -6.09 -4.05 -0.02
CA MET A 338 -4.86 -4.83 -0.01
C MET A 338 -3.74 -3.93 0.47
N GLY A 339 -3.59 -3.84 1.80
CA GLY A 339 -2.54 -3.07 2.44
C GLY A 339 -1.27 -3.85 2.59
N ALA A 340 -0.41 -3.39 3.53
CA ALA A 340 0.91 -4.02 3.72
C ALA A 340 0.83 -5.50 3.99
N VAL A 341 -0.31 -5.98 4.55
CA VAL A 341 -0.49 -7.40 4.83
C VAL A 341 -0.39 -8.22 3.53
N ILE A 342 -1.04 -7.74 2.47
CA ILE A 342 -0.86 -8.33 1.14
C ILE A 342 0.52 -7.97 0.59
N MET A 343 0.81 -6.67 0.48
CA MET A 343 1.95 -6.24 -0.32
C MET A 343 3.28 -6.79 0.19
N GLU A 344 3.40 -7.03 1.50
CA GLU A 344 4.65 -7.55 2.03
C GLU A 344 4.92 -8.96 1.56
N GLY A 345 3.94 -9.66 0.96
CA GLY A 345 4.28 -10.94 0.37
C GLY A 345 4.76 -10.88 -1.04
N PHE A 346 4.64 -9.73 -1.70
CA PHE A 346 4.81 -9.73 -3.15
C PHE A 346 5.63 -8.55 -3.60
N TYR A 347 6.24 -8.70 -4.76
CA TYR A 347 6.72 -7.56 -5.53
C TYR A 347 5.53 -7.08 -6.35
N VAL A 348 5.16 -5.82 -6.22
CA VAL A 348 3.94 -5.33 -6.84
C VAL A 348 4.33 -4.26 -7.86
N VAL A 349 3.91 -4.45 -9.10
CA VAL A 349 4.28 -3.56 -10.21
C VAL A 349 3.05 -2.74 -10.59
N PHE A 350 3.15 -1.42 -10.43
CA PHE A 350 2.03 -0.52 -10.76
C PHE A 350 2.26 -0.09 -12.20
N ASP A 351 1.79 -0.92 -13.14
CA ASP A 351 2.11 -0.75 -14.57
C ASP A 351 1.12 0.23 -15.16
N ARG A 352 1.36 1.52 -14.91
CA ARG A 352 0.36 2.53 -15.28
C ARG A 352 0.18 2.61 -16.79
N ALA A 353 1.28 2.47 -17.53
CA ALA A 353 1.23 2.55 -18.98
C ALA A 353 0.28 1.51 -19.56
N ARG A 354 0.26 0.32 -18.98
CA ARG A 354 -0.60 -0.75 -19.47
C ARG A 354 -1.81 -1.00 -18.59
N LYS A 355 -2.07 -0.09 -17.65
CA LYS A 355 -3.28 -0.11 -16.83
C LYS A 355 -3.45 -1.50 -16.22
N ARG A 356 -2.39 -1.98 -15.58
CA ARG A 356 -2.41 -3.29 -14.96
C ARG A 356 -1.48 -3.28 -13.75
N ILE A 357 -1.73 -4.21 -12.83
N ILE A 357 -1.69 -4.22 -12.84
CA ILE A 357 -0.90 -4.41 -11.65
CA ILE A 357 -0.85 -4.37 -11.65
C ILE A 357 -0.28 -5.80 -11.76
C ILE A 357 -0.28 -5.79 -11.64
N GLY A 358 1.05 -5.89 -11.65
CA GLY A 358 1.72 -7.19 -11.63
C GLY A 358 2.02 -7.60 -10.20
N PHE A 359 1.91 -8.89 -9.95
CA PHE A 359 2.30 -9.52 -8.68
C PHE A 359 3.28 -10.65 -8.92
N ALA A 360 4.33 -10.71 -8.09
CA ALA A 360 5.27 -11.82 -8.08
C ALA A 360 5.67 -12.09 -6.64
N VAL A 361 6.11 -13.32 -6.38
CA VAL A 361 6.59 -13.65 -5.04
C VAL A 361 7.73 -12.74 -4.67
N SER A 362 7.66 -12.14 -3.49
CA SER A 362 8.70 -11.18 -3.13
C SER A 362 9.93 -11.91 -2.62
N ALA A 363 11.10 -11.51 -3.12
CA ALA A 363 12.34 -12.10 -2.66
C ALA A 363 12.63 -11.84 -1.19
N CYS A 364 11.85 -10.97 -0.52
CA CYS A 364 12.11 -10.62 0.88
C CYS A 364 10.97 -10.95 1.83
N HIS A 365 9.94 -11.68 1.40
CA HIS A 365 8.79 -11.84 2.29
C HIS A 365 9.09 -12.85 3.41
N VAL A 366 8.41 -12.67 4.53
CA VAL A 366 8.62 -13.48 5.73
C VAL A 366 7.81 -14.77 5.61
N HIS A 367 8.47 -15.91 5.78
CA HIS A 367 7.74 -17.18 5.80
C HIS A 367 8.29 -18.16 6.84
N ASP A 368 8.12 -19.46 6.58
CA ASP A 368 8.76 -20.50 7.39
C ASP A 368 9.20 -21.61 6.46
N GLU A 369 9.60 -22.74 7.06
CA GLU A 369 10.13 -23.88 6.31
C GLU A 369 9.04 -24.67 5.61
N PHE A 370 7.77 -24.50 6.00
CA PHE A 370 6.67 -25.30 5.47
C PHE A 370 5.85 -24.59 4.39
N ARG A 371 5.64 -23.28 4.51
CA ARG A 371 4.82 -22.55 3.55
C ARG A 371 5.56 -21.29 3.09
N THR A 372 5.33 -20.93 1.82
CA THR A 372 5.84 -19.73 1.19
C THR A 372 4.66 -18.93 0.63
N ALA A 373 4.81 -17.61 0.49
CA ALA A 373 3.79 -16.88 -0.26
C ALA A 373 3.85 -17.34 -1.72
N ALA A 374 2.76 -17.11 -2.46
CA ALA A 374 2.77 -17.69 -3.81
C ALA A 374 1.96 -16.84 -4.77
N VAL A 375 2.33 -16.89 -6.05
CA VAL A 375 1.55 -16.31 -7.16
C VAL A 375 1.44 -17.38 -8.23
N GLU A 376 0.23 -17.85 -8.51
CA GLU A 376 0.06 -19.01 -9.36
C GLU A 376 -1.04 -18.77 -10.39
N GLY A 377 -0.82 -19.24 -11.62
CA GLY A 377 -1.83 -19.22 -12.65
C GLY A 377 -1.44 -20.20 -13.74
N PRO A 378 -2.23 -20.29 -14.83
CA PRO A 378 -3.52 -19.59 -14.94
C PRO A 378 -4.63 -20.47 -14.38
N PHE A 379 -5.75 -19.86 -14.00
CA PHE A 379 -6.93 -20.62 -13.62
C PHE A 379 -8.07 -20.21 -14.53
N VAL A 380 -9.07 -21.09 -14.64
CA VAL A 380 -10.28 -20.82 -15.42
C VAL A 380 -11.35 -20.27 -14.48
N THR A 381 -11.76 -19.03 -14.69
CA THR A 381 -12.79 -18.39 -13.88
C THR A 381 -13.76 -17.70 -14.82
N LEU A 382 -15.02 -18.09 -14.80
CA LEU A 382 -15.98 -17.46 -15.70
C LEU A 382 -16.72 -16.33 -14.98
N ASP A 383 -17.32 -15.46 -15.79
CA ASP A 383 -18.20 -14.36 -15.33
C ASP A 383 -17.46 -13.43 -14.37
N MET A 384 -16.16 -13.26 -14.58
CA MET A 384 -15.39 -12.36 -13.73
C MET A 384 -15.85 -10.92 -13.85
N GLU A 385 -16.44 -10.52 -15.00
CA GLU A 385 -16.88 -9.13 -15.08
C GLU A 385 -18.03 -8.86 -14.12
N ASP A 386 -18.84 -9.89 -13.85
CA ASP A 386 -19.88 -9.76 -12.83
C ASP A 386 -19.33 -9.46 -11.45
N CYS A 387 -18.03 -9.69 -11.20
CA CYS A 387 -17.52 -9.47 -9.85
C CYS A 387 -17.36 -7.99 -9.53
N GLY A 388 -17.34 -7.12 -10.55
CA GLY A 388 -17.13 -5.70 -10.31
C GLY A 388 -18.40 -5.00 -9.88
N TYR A 389 -18.32 -4.27 -8.77
CA TYR A 389 -19.48 -3.54 -8.28
C TYR A 389 -19.67 -2.24 -9.06
N ASN A 390 -20.92 -1.94 -9.39
CA ASN A 390 -21.20 -0.73 -10.15
C ASN A 390 -21.96 0.36 -9.36
NA NA B . 13.46 -12.64 -10.43
S DMS C . 3.36 21.10 -12.95
O DMS C . 2.59 20.89 -11.65
C1 DMS C . 2.14 21.39 -14.26
C2 DMS C . 4.19 22.71 -12.94
NA NA D . 7.74 11.45 -20.47
C4 5T5 E . -1.75 8.80 4.90
C4 5T5 E . -1.51 8.56 5.17
C4 5T5 E . -1.50 8.33 5.28
C6 5T5 E . -1.70 7.32 7.13
C6 5T5 E . -1.47 6.94 7.25
C6 5T5 E . -0.90 6.83 7.36
C7 5T5 E . -4.34 5.95 2.90
C7 5T5 E . -4.21 5.98 3.06
C7 5T5 E . -4.06 5.57 3.38
C8 5T5 E . -1.21 5.97 7.65
C8 5T5 E . -0.90 5.59 7.73
C8 5T5 E . -0.40 5.44 7.84
C20 5T5 E . -1.28 5.65 9.00
C20 5T5 E . -0.88 5.27 9.07
C20 5T5 E . -0.15 5.21 9.18
C21 5T5 E . -6.26 11.28 2.61
C21 5T5 E . -4.83 11.85 2.67
C21 5T5 E . -5.66 11.05 3.15
C22 5T5 E . -0.23 3.87 7.20
C22 5T5 E . 0.09 3.52 7.21
C22 5T5 E . 0.20 3.24 7.35
C26 5T5 E . -5.34 11.46 3.65
C26 5T5 E . -4.44 10.82 1.84
C26 5T5 E . -5.15 11.06 4.45
C28 5T5 E . -0.32 3.55 8.55
C28 5T5 E . 0.10 3.19 8.56
C28 5T5 E . 0.47 3.00 8.68
CL 5T5 E . 0.49 2.57 6.22
CL 5T5 E . 0.77 2.25 6.18
CL 5T5 E . 0.50 1.82 6.32
N13 5T5 E . -0.84 4.44 9.41
N13 5T5 E . -0.38 4.09 9.46
N13 5T5 E . 0.29 3.99 9.59
C14 5T5 E . -0.67 5.07 6.77
C14 5T5 E . -0.42 4.71 6.81
C14 5T5 E . -0.22 4.45 6.93
O15 5T5 E . -1.97 8.22 7.85
O15 5T5 E . -1.76 7.78 8.02
O15 5T5 E . -0.85 7.77 8.08
C2 5T5 E . -1.83 7.44 5.60
C2 5T5 E . -1.65 7.14 5.74
C2 5T5 E . -1.42 6.93 5.91
C1 5T5 E . -3.12 8.15 5.20
C1 5T5 E . -2.90 7.95 5.39
C1 5T5 E . -2.78 7.60 5.71
C3 5T5 E . -4.16 7.86 4.12
C3 5T5 E . -3.90 7.93 4.23
C3 5T5 E . -3.90 7.43 4.68
C9 5T5 E . -5.25 6.88 4.74
C9 5T5 E . -5.23 7.18 4.68
C9 5T5 E . -4.99 6.43 5.26
O10 5T5 E . -5.35 5.75 3.72
O10 5T5 E . -5.21 5.87 3.91
O10 5T5 E . -4.92 5.22 4.33
N17 5T5 E . -3.95 5.02 1.85
N17 5T5 E . -3.90 5.01 2.03
N17 5T5 E . -3.74 4.75 2.22
N5 5T5 E . -3.62 7.20 3.15
N5 5T5 E . -3.42 7.22 3.27
N5 5T5 E . -3.43 6.87 3.62
C11 5T5 E . -4.88 9.10 3.60
C11 5T5 E . -4.23 9.34 3.72
C11 5T5 E . -4.53 8.75 4.21
C19 5T5 E . -4.65 10.36 4.14
C19 5T5 E . -4.14 9.57 2.36
C19 5T5 E . -4.57 9.90 4.98
C25 5T5 E . -6.50 10.01 2.07
C25 5T5 E . -4.93 11.64 4.04
C25 5T5 E . -5.61 9.91 2.37
C18 5T5 E . -5.80 8.93 2.57
C18 5T5 E . -4.63 10.37 4.56
C18 5T5 E . -5.04 8.75 2.91
O16 5T5 E . -6.91 12.46 2.17
O16 5T5 E . -5.13 13.09 2.04
O16 5T5 E . -6.22 12.24 2.66
C12 5T5 E . -7.73 12.36 1.03
C12 5T5 E . -4.71 13.21 0.70
C12 5T5 E . -5.85 12.52 1.32
F23 5T5 E . -7.03 11.95 -0.06
F23 5T5 E . -5.71 13.53 -0.18
F23 5T5 E . -6.95 12.99 0.62
F24 5T5 E . -8.82 11.57 1.27
F24 5T5 E . -3.73 14.14 0.64
F24 5T5 E . -4.80 13.41 1.27
#